data_8RV7
#
_entry.id   8RV7
#
_cell.length_a   168.124
_cell.length_b   168.124
_cell.length_c   52.013
_cell.angle_alpha   90.000
_cell.angle_beta   90.000
_cell.angle_gamma   120.000
#
_symmetry.space_group_name_H-M   'P 31 2 1'
#
loop_
_entity.id
_entity.type
_entity.pdbx_description
1 polymer "2'-O-methyltransferase nsp16"
2 polymer 'Non-structural protein 10'
3 non-polymer '2-(N-MORPHOLINO)-ETHANESULFONIC ACID'
4 non-polymer '3-[[(2~{S},3~{S},4~{R},5~{R})-5-(6-aminopurin-9-yl)-3,4-bis(oxidanyl)oxolan-2-yl]methylsulfanylmethyl]-5-(3-oxidanylprop-1-ynyl)benzoic acid'
5 non-polymer 'ZINC ION'
6 water water
#
loop_
_entity_poly.entity_id
_entity_poly.type
_entity_poly.pdbx_seq_one_letter_code
_entity_poly.pdbx_strand_id
1 'polypeptide(L)'
;GSMASSQAWQPGVAMPNLYKMQRMLLEKCDLQNYGDSATLPKGIMMNVAKYTQLCQYLNTLTLAVPYNMRVIHFGAGSDK
GVAPGTAVLRQWLPTGTLLVDSDLNDFVSDADSTLIGDCATVHTANKWDLIISDMYDPKTKNVTKENDSKEGFFTYICGF
IQQKLALGGSVAIKITEHSWNADLYKLMGHFAWWTAFVTNVNASSSEAFLIGCNYLGKPREQIDGYVMHANYIFWRNTNP
IQLSSYSLFDMSKFPLKLRGTAVMSLKEGQINDMILSLLSKGRLIIRENNRVVISSDVLVNN
;
A
2 'polypeptide(L)'
;GSMAGNATEVPANSTVLSFCAFAVDAAKAYKDYLASGGQPITNCVKMLCTHTGTGQAITVTPEANMDQESFGGASCCLYC
RCHIDHPNPKGFCDLKGKYVQIPTTCANDPVGFTLKNTVCTVCGMWKGYGCSCDQLREPMLQ
;
B
#
loop_
_chem_comp.id
_chem_comp.type
_chem_comp.name
_chem_comp.formula
A1H3E non-polymer '3-[[(2~{S},3~{S},4~{R},5~{R})-5-(6-aminopurin-9-yl)-3,4-bis(oxidanyl)oxolan-2-yl]methylsulfanylmethyl]-5-(3-oxidanylprop-1-ynyl)benzoic acid' 'C21 H23 N5 O6 S'
MES non-polymer '2-(N-MORPHOLINO)-ETHANESULFONIC ACID' 'C6 H13 N O4 S'
ZN non-polymer 'ZINC ION' 'Zn 2'
#
# COMPACT_ATOMS: atom_id res chain seq x y z
N SER A 5 -14.39 16.67 17.11
CA SER A 5 -13.78 15.84 16.04
C SER A 5 -14.86 15.22 15.11
N SER A 6 -15.42 16.09 14.27
CA SER A 6 -15.90 15.64 12.97
C SER A 6 -14.78 14.99 12.15
N GLN A 7 -13.54 15.07 12.65
CA GLN A 7 -12.43 14.32 12.09
C GLN A 7 -12.70 12.82 12.12
N ALA A 8 -13.55 12.35 13.04
CA ALA A 8 -13.71 10.92 13.26
C ALA A 8 -14.34 10.21 12.06
N TRP A 9 -15.03 10.93 11.19
CA TRP A 9 -15.62 10.35 10.01
C TRP A 9 -14.70 10.46 8.79
N GLN A 10 -13.58 11.17 8.91
CA GLN A 10 -12.59 11.22 7.85
C GLN A 10 -11.73 9.94 7.86
N PRO A 11 -10.95 9.69 6.81
CA PRO A 11 -10.00 8.56 6.88
C PRO A 11 -8.83 8.83 7.82
N GLY A 12 -8.59 10.09 8.16
CA GLY A 12 -7.48 10.44 9.01
C GLY A 12 -7.37 11.95 9.05
N VAL A 13 -6.24 12.45 9.52
CA VAL A 13 -6.04 13.88 9.71
C VAL A 13 -4.71 14.29 9.11
N ALA A 14 -4.73 15.35 8.32
CA ALA A 14 -3.55 15.90 7.69
C ALA A 14 -3.05 17.11 8.48
N MET A 15 -1.73 17.28 8.52
CA MET A 15 -1.09 18.34 9.29
C MET A 15 -1.59 19.72 8.81
N PRO A 16 -2.26 20.50 9.64
CA PRO A 16 -2.76 21.80 9.19
C PRO A 16 -1.63 22.74 8.76
N ASN A 17 -1.93 23.56 7.74
CA ASN A 17 -0.90 24.40 7.11
C ASN A 17 -0.22 25.30 8.14
N LEU A 18 -0.96 25.79 9.13
CA LEU A 18 -0.32 26.74 10.05
C LEU A 18 0.78 26.08 10.86
N TYR A 19 0.62 24.78 11.17
CA TYR A 19 1.70 24.08 11.88
C TYR A 19 2.94 23.94 11.02
N LYS A 20 2.75 23.80 9.70
CA LYS A 20 3.90 23.74 8.80
C LYS A 20 4.73 25.02 8.80
N MET A 21 4.12 26.15 9.17
CA MET A 21 4.74 27.46 9.12
C MET A 21 5.46 27.84 10.39
N GLN A 22 5.49 26.97 11.39
CA GLN A 22 6.12 27.32 12.65
C GLN A 22 7.62 27.07 12.58
N ARG A 23 8.32 27.41 13.68
CA ARG A 23 9.73 27.10 13.83
C ARG A 23 9.92 26.49 15.21
N MET A 24 9.36 25.30 15.40
CA MET A 24 9.43 24.66 16.70
C MET A 24 10.77 23.97 16.90
N LEU A 25 11.12 23.80 18.16
CA LEU A 25 12.23 22.94 18.53
C LEU A 25 11.72 21.53 18.71
N LEU A 26 12.59 20.56 18.44
CA LEU A 26 12.20 19.16 18.54
C LEU A 26 12.02 18.77 20.00
N GLU A 27 10.89 18.13 20.31
CA GLU A 27 10.59 17.59 21.62
C GLU A 27 10.29 16.12 21.48
N LYS A 28 10.30 15.41 22.60
CA LYS A 28 9.78 14.04 22.63
C LYS A 28 8.30 14.03 22.25
N CYS A 29 7.90 12.96 21.57
CA CYS A 29 6.50 12.80 21.20
C CYS A 29 5.80 12.12 22.36
N ASP A 30 4.73 12.73 22.86
CA ASP A 30 3.96 12.17 23.96
C ASP A 30 2.48 12.25 23.62
N LEU A 31 1.93 11.16 23.10
CA LEU A 31 0.57 11.19 22.56
C LEU A 31 -0.42 10.85 23.67
N GLN A 32 -1.42 11.72 23.82
CA GLN A 32 -2.44 11.51 24.84
C GLN A 32 -3.10 10.14 24.70
N ASN A 33 -3.43 9.74 23.48
CA ASN A 33 -4.14 8.49 23.24
CA ASN A 33 -4.14 8.47 23.27
C ASN A 33 -3.20 7.32 22.97
N TYR A 34 -1.95 7.42 23.43
CA TYR A 34 -0.99 6.33 23.29
C TYR A 34 -1.54 5.07 23.96
N GLY A 35 -1.58 3.96 23.22
CA GLY A 35 -2.11 2.73 23.76
C GLY A 35 -3.63 2.58 23.68
N ASP A 36 -4.37 3.63 23.35
CA ASP A 36 -5.71 3.45 22.83
C ASP A 36 -5.62 2.62 21.54
N SER A 37 -6.73 1.98 21.17
CA SER A 37 -6.81 1.21 19.94
C SER A 37 -8.17 1.38 19.31
N ALA A 38 -8.20 1.50 17.98
CA ALA A 38 -9.46 1.49 17.25
C ALA A 38 -9.98 0.06 17.23
N THR A 39 -11.29 -0.09 17.18
CA THR A 39 -11.90 -1.40 17.00
C THR A 39 -12.05 -1.64 15.51
N LEU A 40 -11.28 -2.53 14.99
CA LEU A 40 -11.34 -2.79 13.56
C LEU A 40 -12.56 -3.65 13.24
N PRO A 41 -13.09 -3.56 12.03
CA PRO A 41 -14.13 -4.51 11.62
C PRO A 41 -13.65 -5.95 11.80
N LYS A 42 -14.60 -6.83 12.08
CA LYS A 42 -14.28 -8.24 12.35
C LYS A 42 -13.35 -8.83 11.30
N GLY A 43 -12.22 -9.36 11.77
CA GLY A 43 -11.28 -10.05 10.91
C GLY A 43 -10.41 -9.19 10.01
N ILE A 44 -10.46 -7.86 10.13
CA ILE A 44 -9.66 -6.99 9.28
C ILE A 44 -8.36 -6.67 10.01
N MET A 45 -7.22 -6.83 9.32
CA MET A 45 -5.87 -6.52 9.81
CA MET A 45 -6.04 -6.49 10.07
C MET A 45 -5.64 -5.02 9.89
N MET A 46 -4.84 -4.55 10.87
CA MET A 46 -4.43 -3.15 10.91
C MET A 46 -3.87 -2.68 9.59
N ASN A 47 -3.04 -3.50 8.94
CA ASN A 47 -2.39 -3.03 7.74
C ASN A 47 -3.38 -2.81 6.60
N VAL A 48 -4.44 -3.63 6.52
CA VAL A 48 -5.45 -3.37 5.50
C VAL A 48 -6.19 -2.07 5.81
N ALA A 49 -6.55 -1.88 7.08
CA ALA A 49 -7.30 -0.71 7.48
C ALA A 49 -6.49 0.56 7.25
N LYS A 50 -5.20 0.51 7.58
CA LYS A 50 -4.33 1.66 7.44
C LYS A 50 -4.15 2.05 5.97
N TYR A 51 -3.82 1.08 5.11
CA TYR A 51 -3.71 1.41 3.71
C TYR A 51 -5.05 1.84 3.11
N THR A 52 -6.15 1.26 3.57
CA THR A 52 -7.44 1.71 3.05
C THR A 52 -7.65 3.18 3.35
N GLN A 53 -7.34 3.60 4.58
CA GLN A 53 -7.50 4.99 4.93
C GLN A 53 -6.51 5.89 4.20
N LEU A 54 -5.27 5.42 3.99
CA LEU A 54 -4.34 6.23 3.20
C LEU A 54 -4.90 6.46 1.81
N CYS A 55 -5.42 5.41 1.19
CA CYS A 55 -5.94 5.55 -0.17
C CYS A 55 -7.20 6.42 -0.21
N GLN A 56 -8.06 6.29 0.80
CA GLN A 56 -9.22 7.19 0.90
C GLN A 56 -8.79 8.64 0.95
N TYR A 57 -7.70 8.94 1.66
CA TYR A 57 -7.22 10.31 1.72
C TYR A 57 -6.58 10.72 0.39
N LEU A 58 -5.83 9.82 -0.23
CA LEU A 58 -5.24 10.15 -1.52
C LEU A 58 -6.31 10.39 -2.57
N ASN A 59 -7.51 9.83 -2.39
CA ASN A 59 -8.60 10.12 -3.30
C ASN A 59 -9.00 11.59 -3.27
N THR A 60 -8.66 12.31 -2.20
CA THR A 60 -9.01 13.73 -2.10
C THR A 60 -7.96 14.65 -2.73
N LEU A 61 -6.83 14.14 -3.20
CA LEU A 61 -5.78 14.98 -3.74
C LEU A 61 -5.82 14.94 -5.26
N THR A 62 -5.07 15.85 -5.87
CA THR A 62 -4.99 15.96 -7.33
C THR A 62 -3.93 15.01 -7.91
N LEU A 63 -4.07 13.73 -7.62
CA LEU A 63 -3.13 12.76 -8.18
C LEU A 63 -3.30 12.63 -9.69
N ALA A 64 -2.17 12.57 -10.39
CA ALA A 64 -2.17 12.20 -11.80
C ALA A 64 -2.44 10.70 -11.95
N VAL A 65 -3.38 10.34 -12.82
CA VAL A 65 -3.75 8.95 -13.00
C VAL A 65 -3.76 8.64 -14.50
N PRO A 66 -2.62 8.36 -15.09
CA PRO A 66 -2.57 8.04 -16.52
C PRO A 66 -3.06 6.64 -16.84
N TYR A 67 -3.32 6.40 -18.12
CA TYR A 67 -3.39 5.03 -18.59
C TYR A 67 -2.04 4.36 -18.35
N ASN A 68 -2.07 3.07 -18.09
CA ASN A 68 -0.82 2.33 -17.82
C ASN A 68 -0.03 3.02 -16.72
N MET A 69 -0.72 3.40 -15.66
CA MET A 69 -0.08 3.96 -14.49
C MET A 69 0.92 2.95 -13.91
N ARG A 70 1.99 3.49 -13.33
CA ARG A 70 3.10 2.72 -12.78
C ARG A 70 3.28 3.08 -11.31
N VAL A 71 3.15 2.10 -10.45
CA VAL A 71 3.25 2.30 -9.00
C VAL A 71 4.23 1.31 -8.42
N ILE A 72 5.09 1.78 -7.51
CA ILE A 72 6.04 0.92 -6.81
C ILE A 72 5.87 1.12 -5.30
N HIS A 73 5.88 -0.01 -4.59
CA HIS A 73 5.55 -0.11 -3.16
C HIS A 73 6.73 -0.76 -2.43
N PHE A 74 7.43 0.05 -1.62
CA PHE A 74 8.55 -0.43 -0.80
C PHE A 74 8.10 -0.77 0.60
N GLY A 75 8.74 -1.79 1.18
CA GLY A 75 8.36 -2.26 2.50
C GLY A 75 7.07 -3.02 2.55
N ALA A 76 6.76 -3.81 1.52
CA ALA A 76 5.45 -4.41 1.34
C ALA A 76 5.27 -5.77 1.98
N GLY A 77 6.32 -6.35 2.57
CA GLY A 77 6.21 -7.66 3.19
C GLY A 77 5.72 -7.54 4.64
N SER A 78 5.41 -8.68 5.24
CA SER A 78 5.04 -8.74 6.65
C SER A 78 5.77 -9.90 7.28
N ASP A 79 5.81 -9.93 8.61
CA ASP A 79 6.36 -11.09 9.29
C ASP A 79 5.51 -12.34 9.10
N LYS A 80 4.35 -12.25 8.42
CA LYS A 80 3.60 -13.43 8.07
C LYS A 80 3.77 -13.81 6.61
N GLY A 81 4.62 -13.11 5.87
CA GLY A 81 4.94 -13.51 4.52
C GLY A 81 3.89 -13.18 3.47
N VAL A 82 2.98 -12.24 3.76
CA VAL A 82 1.99 -11.78 2.78
C VAL A 82 2.10 -10.26 2.69
N ALA A 83 1.32 -9.65 1.82
CA ALA A 83 1.46 -8.22 1.50
C ALA A 83 0.09 -7.55 1.53
N PRO A 84 -0.41 -7.26 2.73
CA PRO A 84 -1.75 -6.66 2.83
C PRO A 84 -1.85 -5.28 2.21
N GLY A 85 -0.81 -4.44 2.35
CA GLY A 85 -0.83 -3.14 1.73
C GLY A 85 -0.86 -3.22 0.22
N THR A 86 -0.07 -4.12 -0.36
CA THR A 86 -0.15 -4.32 -1.79
C THR A 86 -1.55 -4.73 -2.22
N ALA A 87 -2.20 -5.61 -1.45
CA ALA A 87 -3.56 -6.02 -1.78
C ALA A 87 -4.53 -4.83 -1.80
N VAL A 88 -4.39 -3.88 -0.88
CA VAL A 88 -5.24 -2.69 -0.90
C VAL A 88 -4.90 -1.80 -2.09
N LEU A 89 -3.60 -1.61 -2.38
CA LEU A 89 -3.22 -0.77 -3.50
C LEU A 89 -3.77 -1.32 -4.80
N ARG A 90 -3.74 -2.64 -4.95
CA ARG A 90 -4.25 -3.23 -6.19
C ARG A 90 -5.76 -3.09 -6.30
N GLN A 91 -6.44 -3.12 -5.16
CA GLN A 91 -7.88 -2.86 -5.12
C GLN A 91 -8.18 -1.42 -5.53
N TRP A 92 -7.37 -0.49 -5.06
CA TRP A 92 -7.58 0.94 -5.26
C TRP A 92 -7.24 1.39 -6.67
N LEU A 93 -6.11 0.94 -7.21
CA LEU A 93 -5.62 1.44 -8.47
C LEU A 93 -6.46 0.91 -9.64
N PRO A 94 -6.55 1.66 -10.72
CA PRO A 94 -7.31 1.16 -11.87
C PRO A 94 -6.81 -0.20 -12.36
N THR A 95 -7.74 -1.03 -12.81
CA THR A 95 -7.37 -2.30 -13.41
C THR A 95 -6.36 -2.05 -14.52
N GLY A 96 -5.33 -2.88 -14.56
CA GLY A 96 -4.27 -2.72 -15.52
C GLY A 96 -3.09 -1.91 -15.04
N THR A 97 -3.22 -1.19 -13.93
CA THR A 97 -2.09 -0.46 -13.37
C THR A 97 -0.95 -1.45 -13.12
N LEU A 98 0.26 -1.09 -13.51
CA LEU A 98 1.41 -1.93 -13.21
C LEU A 98 1.92 -1.62 -11.81
N LEU A 99 1.94 -2.63 -10.95
CA LEU A 99 2.29 -2.50 -9.54
C LEU A 99 3.45 -3.42 -9.22
N VAL A 100 4.55 -2.84 -8.76
CA VAL A 100 5.74 -3.56 -8.32
C VAL A 100 5.90 -3.37 -6.83
N ASP A 101 6.22 -4.43 -6.11
CA ASP A 101 6.54 -4.24 -4.70
C ASP A 101 7.85 -4.92 -4.33
N SER A 102 8.26 -4.64 -3.09
CA SER A 102 9.59 -5.02 -2.65
C SER A 102 9.65 -5.03 -1.14
N ASP A 103 10.54 -5.86 -0.61
CA ASP A 103 10.81 -5.92 0.82
C ASP A 103 12.14 -6.63 1.03
N LEU A 104 12.75 -6.36 2.18
CA LEU A 104 13.96 -7.06 2.57
C LEU A 104 13.72 -8.56 2.72
N ASN A 105 12.56 -8.96 3.22
CA ASN A 105 12.29 -10.35 3.52
C ASN A 105 11.28 -10.94 2.54
N ASP A 106 11.31 -12.27 2.42
CA ASP A 106 10.50 -12.87 1.36
C ASP A 106 9.01 -12.83 1.73
N PHE A 107 8.19 -12.74 0.70
CA PHE A 107 6.75 -12.68 0.92
C PHE A 107 6.10 -13.00 -0.41
N VAL A 108 4.81 -13.34 -0.36
CA VAL A 108 4.02 -13.55 -1.56
C VAL A 108 3.02 -12.42 -1.72
N SER A 109 2.81 -12.01 -2.96
CA SER A 109 2.16 -10.75 -3.23
C SER A 109 1.22 -10.87 -4.43
N ASP A 110 0.26 -9.95 -4.49
CA ASP A 110 -0.60 -9.75 -5.65
C ASP A 110 -0.05 -8.74 -6.64
N ALA A 111 1.12 -8.19 -6.38
CA ALA A 111 1.73 -7.27 -7.32
C ALA A 111 2.10 -7.98 -8.63
N ASP A 112 2.27 -7.19 -9.69
CA ASP A 112 2.69 -7.77 -10.97
C ASP A 112 4.12 -8.30 -10.91
N SER A 113 4.97 -7.69 -10.09
CA SER A 113 6.31 -8.21 -9.91
C SER A 113 6.78 -7.83 -8.52
N THR A 114 7.57 -8.69 -7.91
CA THR A 114 8.05 -8.51 -6.55
C THR A 114 9.56 -8.71 -6.53
N LEU A 115 10.30 -7.82 -5.85
CA LEU A 115 11.73 -7.98 -5.67
C LEU A 115 12.07 -8.11 -4.19
N ILE A 116 12.90 -9.11 -3.85
CA ILE A 116 13.27 -9.38 -2.46
C ILE A 116 14.71 -8.97 -2.26
N GLY A 117 14.97 -8.15 -1.25
CA GLY A 117 16.30 -7.65 -0.95
C GLY A 117 16.20 -6.27 -0.33
N ASP A 118 17.32 -5.77 0.15
CA ASP A 118 17.39 -4.39 0.60
C ASP A 118 16.98 -3.43 -0.52
N CYS A 119 16.20 -2.40 -0.17
CA CYS A 119 15.72 -1.47 -1.21
C CYS A 119 16.86 -0.88 -2.01
N ALA A 120 18.03 -0.71 -1.38
CA ALA A 120 19.16 -0.13 -2.10
C ALA A 120 19.62 -1.01 -3.28
N THR A 121 19.25 -2.28 -3.29
CA THR A 121 19.57 -3.13 -4.43
C THR A 121 18.60 -3.00 -5.60
N VAL A 122 17.52 -2.26 -5.46
CA VAL A 122 16.48 -2.20 -6.48
C VAL A 122 16.82 -1.12 -7.49
N HIS A 123 16.78 -1.47 -8.79
CA HIS A 123 16.97 -0.52 -9.87
C HIS A 123 15.83 -0.66 -10.88
N THR A 124 15.46 0.46 -11.49
CA THR A 124 14.41 0.42 -12.51
C THR A 124 14.87 1.29 -13.68
N ALA A 125 14.57 0.80 -14.87
CA ALA A 125 14.86 1.55 -16.09
C ALA A 125 13.88 2.72 -16.23
N ASN A 126 12.65 2.51 -15.83
CA ASN A 126 11.57 3.44 -16.07
C ASN A 126 11.35 4.35 -14.87
N LYS A 127 10.57 5.41 -15.09
CA LYS A 127 10.09 6.27 -14.01
C LYS A 127 8.69 5.80 -13.58
N TRP A 128 8.26 6.32 -12.42
CA TRP A 128 7.05 5.88 -11.75
C TRP A 128 6.10 7.07 -11.54
N ASP A 129 4.81 6.79 -11.48
CA ASP A 129 3.80 7.81 -11.25
C ASP A 129 3.43 7.96 -9.78
N LEU A 130 3.69 6.95 -8.96
CA LEU A 130 3.36 6.93 -7.54
C LEU A 130 4.34 5.99 -6.83
N ILE A 131 4.93 6.47 -5.73
CA ILE A 131 5.80 5.67 -4.89
C ILE A 131 5.18 5.64 -3.50
N ILE A 132 4.94 4.42 -2.98
CA ILE A 132 4.48 4.20 -1.61
C ILE A 132 5.59 3.49 -0.84
N SER A 133 5.84 3.93 0.39
CA SER A 133 6.79 3.24 1.26
C SER A 133 6.24 3.10 2.66
N ASP A 134 6.29 1.88 3.16
CA ASP A 134 6.02 1.53 4.54
C ASP A 134 7.29 1.11 5.29
N MET A 135 8.45 1.32 4.71
CA MET A 135 9.67 0.83 5.34
C MET A 135 9.86 1.52 6.68
N TYR A 136 10.41 0.75 7.61
CA TYR A 136 10.55 1.16 8.99
C TYR A 136 11.52 0.20 9.66
N ASP A 137 12.46 0.74 10.42
CA ASP A 137 13.42 -0.05 11.19
C ASP A 137 13.14 0.15 12.68
N PRO A 138 12.63 -0.86 13.37
CA PRO A 138 12.22 -0.63 14.78
C PRO A 138 13.36 -0.29 15.71
N LYS A 139 14.61 -0.53 15.31
CA LYS A 139 15.73 -0.10 16.13
C LYS A 139 15.77 1.41 16.31
N THR A 140 15.16 2.19 15.40
CA THR A 140 15.18 3.64 15.57
C THR A 140 14.39 4.09 16.80
N LYS A 141 13.52 3.24 17.35
CA LYS A 141 12.71 3.63 18.51
C LYS A 141 13.53 3.61 19.80
N ASN A 142 14.67 4.28 19.81
CA ASN A 142 15.52 4.36 21.00
C ASN A 142 15.28 5.71 21.67
N VAL A 143 14.45 5.71 22.71
CA VAL A 143 14.10 6.94 23.41
C VAL A 143 15.24 7.52 24.24
N THR A 144 16.34 6.79 24.41
CA THR A 144 17.44 7.22 25.27
C THR A 144 18.55 7.93 24.51
N LYS A 145 18.49 7.95 23.19
CA LYS A 145 19.47 8.67 22.39
C LYS A 145 18.78 9.84 21.69
N GLU A 146 19.59 10.83 21.37
CA GLU A 146 19.12 11.98 20.65
C GLU A 146 18.44 11.56 19.35
N ASN A 147 17.42 12.31 18.96
CA ASN A 147 16.60 11.96 17.80
C ASN A 147 17.07 12.77 16.59
N ASP A 148 18.06 12.24 15.87
CA ASP A 148 18.62 12.93 14.71
C ASP A 148 18.04 12.34 13.42
N SER A 149 18.27 13.05 12.31
CA SER A 149 17.84 12.58 11.00
C SER A 149 18.47 11.23 10.71
N LYS A 150 17.67 10.31 10.19
CA LYS A 150 18.11 8.95 9.92
C LYS A 150 18.47 8.79 8.44
N GLU A 151 19.41 7.90 8.16
CA GLU A 151 19.82 7.66 6.78
C GLU A 151 19.23 6.33 6.36
N GLY A 152 20.06 5.32 6.10
CA GLY A 152 19.52 4.01 5.76
C GLY A 152 18.62 4.10 4.53
N PHE A 153 17.43 3.46 4.59
CA PHE A 153 16.58 3.44 3.41
C PHE A 153 16.10 4.83 3.02
N PHE A 154 16.16 5.81 3.94
CA PHE A 154 15.74 7.15 3.55
C PHE A 154 16.68 7.73 2.50
N THR A 155 17.98 7.42 2.57
CA THR A 155 18.88 7.93 1.55
C THR A 155 18.49 7.39 0.18
N TYR A 156 18.19 6.09 0.13
CA TYR A 156 17.74 5.49 -1.12
C TYR A 156 16.46 6.16 -1.62
N ILE A 157 15.49 6.32 -0.73
CA ILE A 157 14.20 6.90 -1.13
C ILE A 157 14.37 8.29 -1.71
N CYS A 158 15.20 9.14 -1.09
CA CYS A 158 15.41 10.48 -1.63
C CYS A 158 16.00 10.44 -3.03
N GLY A 159 17.05 9.64 -3.23
CA GLY A 159 17.61 9.50 -4.56
C GLY A 159 16.61 8.92 -5.55
N PHE A 160 15.81 7.97 -5.10
CA PHE A 160 14.86 7.31 -6.01
C PHE A 160 13.81 8.28 -6.47
N ILE A 161 13.36 9.18 -5.58
CA ILE A 161 12.39 10.19 -5.98
C ILE A 161 12.99 11.10 -7.04
N GLN A 162 14.19 11.61 -6.76
CA GLN A 162 14.80 12.58 -7.67
C GLN A 162 15.16 11.96 -9.02
N GLN A 163 15.47 10.67 -9.04
CA GLN A 163 15.90 10.03 -10.28
C GLN A 163 14.78 9.32 -11.02
N LYS A 164 13.78 8.78 -10.33
CA LYS A 164 12.82 7.86 -10.95
C LYS A 164 11.35 8.20 -10.68
N LEU A 165 11.05 9.38 -10.14
CA LEU A 165 9.65 9.82 -10.06
C LEU A 165 9.35 10.71 -11.25
N ALA A 166 8.31 10.37 -12.02
CA ALA A 166 7.88 11.25 -13.09
C ALA A 166 7.46 12.61 -12.55
N LEU A 167 7.77 13.67 -13.30
CA LEU A 167 7.14 14.95 -13.00
C LEU A 167 5.63 14.77 -13.02
N GLY A 168 4.96 15.37 -12.04
CA GLY A 168 3.56 15.17 -11.85
C GLY A 168 3.19 14.03 -10.92
N GLY A 169 4.11 13.11 -10.67
CA GLY A 169 3.83 11.98 -9.81
C GLY A 169 3.82 12.37 -8.32
N SER A 170 3.46 11.40 -7.49
CA SER A 170 3.26 11.65 -6.08
C SER A 170 3.89 10.55 -5.25
N VAL A 171 4.07 10.83 -3.95
CA VAL A 171 4.65 9.84 -3.05
C VAL A 171 3.89 9.86 -1.72
N ALA A 172 3.96 8.74 -1.01
CA ALA A 172 3.50 8.61 0.38
C ALA A 172 4.53 7.74 1.09
N ILE A 173 5.30 8.35 1.99
CA ILE A 173 6.45 7.70 2.64
C ILE A 173 6.22 7.71 4.15
N LYS A 174 6.22 6.52 4.74
CA LYS A 174 5.99 6.40 6.18
C LYS A 174 7.14 6.98 6.98
N ILE A 175 6.78 7.77 7.99
CA ILE A 175 7.71 8.28 9.00
C ILE A 175 7.09 8.03 10.37
N THR A 176 7.90 8.23 11.40
CA THR A 176 7.46 8.16 12.79
C THR A 176 8.23 9.23 13.55
N GLU A 177 8.04 9.26 14.86
CA GLU A 177 8.81 10.20 15.68
C GLU A 177 10.30 10.03 15.41
N HIS A 178 10.80 8.79 15.49
CA HIS A 178 12.22 8.53 15.35
C HIS A 178 12.65 8.09 13.96
N SER A 179 11.73 7.65 13.09
CA SER A 179 12.08 7.22 11.74
C SER A 179 11.71 8.34 10.78
N TRP A 180 12.69 9.20 10.49
CA TRP A 180 12.49 10.37 9.64
C TRP A 180 13.84 10.79 9.10
N ASN A 181 13.80 11.69 8.12
CA ASN A 181 14.97 12.15 7.40
C ASN A 181 14.76 13.59 6.94
N ALA A 182 15.76 14.43 7.17
CA ALA A 182 15.58 15.86 6.91
C ALA A 182 15.51 16.15 5.41
N ASP A 183 16.33 15.46 4.61
CA ASP A 183 16.32 15.70 3.17
C ASP A 183 14.98 15.32 2.54
N LEU A 184 14.30 14.32 3.11
CA LEU A 184 12.99 13.95 2.59
C LEU A 184 11.97 15.05 2.84
N TYR A 185 11.98 15.65 4.02
CA TYR A 185 11.15 16.83 4.21
C TYR A 185 11.55 17.94 3.24
N LYS A 186 12.85 18.17 3.09
CA LYS A 186 13.28 19.17 2.12
C LYS A 186 12.72 18.87 0.75
N LEU A 187 12.70 17.60 0.37
CA LEU A 187 12.19 17.23 -0.94
C LEU A 187 10.70 17.48 -1.08
N MET A 188 9.95 17.47 0.02
CA MET A 188 8.54 17.83 -0.08
C MET A 188 8.33 19.21 -0.69
N GLY A 189 9.27 20.13 -0.51
CA GLY A 189 9.14 21.39 -1.17
C GLY A 189 9.38 21.37 -2.66
N HIS A 190 9.63 20.19 -3.24
CA HIS A 190 9.76 20.03 -4.69
C HIS A 190 8.49 19.51 -5.31
N PHE A 191 7.43 19.45 -4.54
CA PHE A 191 6.11 19.11 -5.01
C PHE A 191 5.24 20.36 -4.97
N ALA A 192 4.15 20.31 -5.72
CA ALA A 192 3.19 21.42 -5.70
C ALA A 192 2.53 21.58 -4.34
N TRP A 193 2.40 20.49 -3.57
CA TRP A 193 1.77 20.49 -2.25
C TRP A 193 2.29 19.27 -1.50
N TRP A 194 2.27 19.34 -0.17
CA TRP A 194 2.74 18.25 0.67
C TRP A 194 1.97 18.30 1.98
N THR A 195 1.93 17.15 2.67
CA THR A 195 1.44 17.11 4.04
C THR A 195 2.03 15.91 4.77
N ALA A 196 1.73 15.83 6.07
CA ALA A 196 1.95 14.63 6.87
C ALA A 196 0.56 14.15 7.28
N PHE A 197 0.20 12.93 6.85
CA PHE A 197 -1.14 12.39 7.05
C PHE A 197 -1.12 11.26 8.07
N VAL A 198 -2.02 11.36 9.04
CA VAL A 198 -2.17 10.36 10.10
C VAL A 198 -3.47 9.59 9.87
N THR A 199 -3.40 8.26 9.76
CA THR A 199 -4.63 7.48 9.64
C THR A 199 -5.39 7.48 10.96
N ASN A 200 -6.71 7.52 10.85
CA ASN A 200 -7.51 7.52 12.09
C ASN A 200 -7.43 6.18 12.80
N VAL A 201 -7.19 5.09 12.07
CA VAL A 201 -7.11 3.80 12.75
C VAL A 201 -5.83 3.69 13.57
N ASN A 202 -4.75 4.38 13.20
CA ASN A 202 -3.47 4.24 13.88
C ASN A 202 -3.04 5.54 14.57
N ALA A 203 -4.01 6.40 14.92
CA ALA A 203 -3.72 7.73 15.43
C ALA A 203 -3.05 7.72 16.80
N SER A 204 -3.02 6.57 17.48
CA SER A 204 -2.29 6.43 18.73
C SER A 204 -0.79 6.29 18.52
N SER A 205 -0.32 6.23 17.27
CA SER A 205 1.09 6.12 16.95
C SER A 205 1.60 7.43 16.37
N SER A 206 2.90 7.67 16.52
CA SER A 206 3.54 8.82 15.92
C SER A 206 3.80 8.61 14.44
N GLU A 207 3.45 7.44 13.91
CA GLU A 207 3.46 7.24 12.47
C GLU A 207 2.70 8.36 11.73
N ALA A 208 3.22 8.72 10.57
CA ALA A 208 2.47 9.45 9.57
C ALA A 208 2.97 9.05 8.20
N PHE A 209 2.20 9.36 7.16
CA PHE A 209 2.67 9.30 5.79
C PHE A 209 3.00 10.69 5.29
N LEU A 210 4.26 10.92 4.94
CA LEU A 210 4.68 12.16 4.30
C LEU A 210 4.29 12.07 2.84
N ILE A 211 3.36 12.93 2.41
CA ILE A 211 2.79 12.86 1.06
C ILE A 211 3.27 14.06 0.27
N GLY A 212 3.89 13.80 -0.88
CA GLY A 212 4.28 14.84 -1.83
C GLY A 212 3.34 14.68 -3.03
N CYS A 213 2.62 15.75 -3.35
CA CYS A 213 1.54 15.71 -4.33
C CYS A 213 1.95 16.54 -5.55
N ASN A 214 2.19 15.84 -6.68
CA ASN A 214 2.58 16.41 -7.97
C ASN A 214 4.01 16.96 -7.99
N TYR A 215 4.96 16.10 -8.37
CA TYR A 215 6.38 16.42 -8.34
C TYR A 215 6.75 17.41 -9.44
N LEU A 216 7.55 18.41 -9.07
CA LEU A 216 7.94 19.47 -9.99
C LEU A 216 9.39 19.40 -10.39
N GLY A 217 10.19 18.56 -9.72
CA GLY A 217 11.58 18.38 -10.11
C GLY A 217 12.51 19.52 -9.74
N LYS A 218 12.04 20.49 -8.97
CA LYS A 218 12.86 21.61 -8.52
C LYS A 218 12.23 22.16 -7.26
N PRO A 219 12.98 22.94 -6.47
CA PRO A 219 12.41 23.50 -5.24
C PRO A 219 11.38 24.56 -5.57
N ARG A 220 10.16 24.34 -5.14
CA ARG A 220 9.13 25.37 -5.14
C ARG A 220 9.21 26.19 -3.87
N GLU A 221 9.59 25.56 -2.76
CA GLU A 221 9.79 26.24 -1.49
C GLU A 221 10.95 25.56 -0.80
N GLN A 222 11.68 26.33 0.00
CA GLN A 222 12.81 25.83 0.76
C GLN A 222 12.32 25.40 2.13
N ILE A 223 12.51 24.13 2.45
CA ILE A 223 12.08 23.55 3.71
C ILE A 223 13.31 23.07 4.46
N ASP A 224 13.43 23.47 5.72
CA ASP A 224 14.40 22.92 6.66
C ASP A 224 13.77 21.69 7.32
N GLY A 225 14.29 20.52 7.01
CA GLY A 225 13.64 19.30 7.45
C GLY A 225 13.78 19.04 8.94
N TYR A 226 14.85 19.54 9.56
CA TYR A 226 14.96 19.45 11.01
CA TYR A 226 14.94 19.43 11.01
C TYR A 226 13.83 20.25 11.67
N VAL A 227 13.61 21.46 11.19
CA VAL A 227 12.52 22.29 11.74
C VAL A 227 11.15 21.65 11.43
N MET A 228 10.98 21.10 10.22
CA MET A 228 9.63 20.66 9.89
C MET A 228 9.28 19.41 10.67
N HIS A 229 10.25 18.53 10.95
CA HIS A 229 9.94 17.37 11.76
C HIS A 229 9.56 17.82 13.16
N ALA A 230 10.26 18.83 13.69
CA ALA A 230 9.87 19.41 14.98
C ALA A 230 8.45 19.96 14.94
N ASN A 231 8.11 20.64 13.84
CA ASN A 231 6.75 21.14 13.65
C ASN A 231 5.74 20.02 13.65
N TYR A 232 6.05 18.90 12.98
CA TYR A 232 5.15 17.75 12.93
C TYR A 232 4.91 17.20 14.33
N ILE A 233 5.98 17.01 15.09
CA ILE A 233 5.84 16.49 16.45
C ILE A 233 5.05 17.46 17.32
N PHE A 234 5.30 18.75 17.17
CA PHE A 234 4.54 19.73 17.94
C PHE A 234 3.05 19.61 17.64
N TRP A 235 2.68 19.53 16.36
CA TRP A 235 1.30 19.27 15.98
C TRP A 235 0.75 18.03 16.69
N ARG A 236 1.44 16.89 16.53
CA ARG A 236 0.95 15.66 17.14
C ARG A 236 0.84 15.79 18.66
N ASN A 237 1.80 16.45 19.30
CA ASN A 237 1.78 16.58 20.76
C ASN A 237 0.60 17.40 21.26
N THR A 238 0.12 18.36 20.47
CA THR A 238 -0.90 19.29 20.94
C THR A 238 -2.26 19.03 20.32
N ASN A 239 -2.39 18.03 19.44
CA ASN A 239 -3.65 17.73 18.80
C ASN A 239 -3.95 16.25 18.87
N PRO A 240 -4.52 15.79 19.99
CA PRO A 240 -4.91 14.39 20.08
C PRO A 240 -5.90 14.06 18.99
N ILE A 241 -5.71 12.91 18.35
CA ILE A 241 -6.57 12.46 17.28
C ILE A 241 -7.35 11.26 17.80
N GLN A 242 -8.67 11.36 17.77
CA GLN A 242 -9.55 10.28 18.21
C GLN A 242 -9.42 9.08 17.27
N LEU A 243 -9.07 7.94 17.84
CA LEU A 243 -9.01 6.72 17.05
C LEU A 243 -10.36 6.44 16.41
N SER A 244 -10.34 6.03 15.15
CA SER A 244 -11.60 5.79 14.46
C SER A 244 -11.43 4.86 13.25
N SER A 245 -12.37 3.93 13.14
CA SER A 245 -12.52 3.05 12.01
C SER A 245 -13.71 3.41 11.12
N TYR A 246 -14.40 4.53 11.41
CA TYR A 246 -15.67 4.79 10.72
CA TYR A 246 -15.66 4.80 10.71
C TYR A 246 -15.53 4.72 9.20
N SER A 247 -14.48 5.31 8.64
CA SER A 247 -14.39 5.40 7.18
C SER A 247 -14.23 4.04 6.51
N LEU A 248 -13.85 3.03 7.27
CA LEU A 248 -13.68 1.70 6.67
C LEU A 248 -15.00 1.09 6.24
N PHE A 249 -16.11 1.56 6.80
CA PHE A 249 -17.39 0.92 6.55
C PHE A 249 -18.09 1.43 5.29
N ASP A 250 -17.56 2.46 4.63
CA ASP A 250 -18.15 2.93 3.38
C ASP A 250 -17.09 2.92 2.30
N MET A 251 -17.13 1.89 1.46
CA MET A 251 -16.18 1.67 0.40
C MET A 251 -16.79 1.95 -0.97
N SER A 252 -17.95 2.59 -1.01
CA SER A 252 -18.65 2.72 -2.29
C SER A 252 -17.90 3.62 -3.27
N LYS A 253 -17.12 4.57 -2.78
CA LYS A 253 -16.38 5.46 -3.65
C LYS A 253 -14.87 5.27 -3.53
N PHE A 254 -14.44 4.06 -3.20
CA PHE A 254 -13.03 3.81 -2.90
C PHE A 254 -12.10 3.85 -4.10
N PRO A 255 -12.46 3.25 -5.24
CA PRO A 255 -11.47 3.12 -6.32
C PRO A 255 -10.97 4.47 -6.81
N LEU A 256 -9.68 4.53 -7.12
CA LEU A 256 -9.10 5.76 -7.63
C LEU A 256 -9.70 6.08 -9.00
N LYS A 257 -10.09 7.34 -9.19
CA LYS A 257 -10.74 7.75 -10.43
C LYS A 257 -9.78 7.65 -11.60
N LEU A 258 -10.21 6.98 -12.67
CA LEU A 258 -9.39 6.90 -13.88
C LEU A 258 -9.48 8.25 -14.59
N ARG A 259 -8.41 9.05 -14.53
CA ARG A 259 -8.45 10.38 -15.11
C ARG A 259 -7.90 10.42 -16.52
N GLY A 260 -7.20 9.37 -16.95
CA GLY A 260 -6.56 9.35 -18.24
C GLY A 260 -5.58 10.48 -18.43
N THR A 261 -4.87 10.84 -17.36
CA THR A 261 -3.96 11.99 -17.39
C THR A 261 -2.96 11.86 -18.52
N ALA A 262 -2.71 12.98 -19.19
CA ALA A 262 -1.77 12.98 -20.30
C ALA A 262 -0.37 12.65 -19.82
N VAL A 263 0.35 11.89 -20.64
CA VAL A 263 1.75 11.57 -20.45
C VAL A 263 2.52 12.10 -21.65
N MET A 264 3.55 12.89 -21.38
CA MET A 264 4.38 13.43 -22.44
C MET A 264 5.85 13.30 -22.07
N SER A 265 6.68 13.15 -23.09
CA SER A 265 8.12 13.21 -22.92
C SER A 265 8.58 14.64 -23.18
N LEU A 266 9.33 15.22 -22.26
CA LEU A 266 9.85 16.55 -22.44
C LEU A 266 11.24 16.63 -21.83
N LYS A 267 12.11 17.40 -22.47
CA LYS A 267 13.46 17.63 -21.99
C LYS A 267 13.45 18.83 -21.06
N GLU A 268 14.40 18.86 -20.13
CA GLU A 268 14.35 19.86 -19.06
C GLU A 268 14.11 21.27 -19.60
N GLY A 269 14.58 21.56 -20.81
CA GLY A 269 14.43 22.90 -21.35
C GLY A 269 13.01 23.29 -21.67
N GLN A 270 12.12 22.33 -21.84
CA GLN A 270 10.75 22.62 -22.23
C GLN A 270 9.79 22.69 -21.04
N ILE A 271 10.30 22.63 -19.83
CA ILE A 271 9.45 22.69 -18.62
C ILE A 271 9.27 24.17 -18.31
N ASN A 272 8.27 24.78 -18.94
CA ASN A 272 7.96 26.18 -18.72
C ASN A 272 6.91 26.32 -17.61
N ASP A 273 6.61 27.58 -17.26
CA ASP A 273 5.65 27.84 -16.19
C ASP A 273 4.27 27.30 -16.54
N MET A 274 3.92 27.27 -17.82
CA MET A 274 2.63 26.69 -18.21
C MET A 274 2.63 25.18 -18.01
N ILE A 275 3.74 24.52 -18.32
CA ILE A 275 3.88 23.09 -18.04
C ILE A 275 3.86 22.88 -16.53
N LEU A 276 4.64 23.67 -15.81
CA LEU A 276 4.69 23.56 -14.36
C LEU A 276 3.30 23.70 -13.74
N SER A 277 2.44 24.50 -14.36
CA SER A 277 1.10 24.70 -13.80
C SER A 277 0.21 23.50 -14.06
N LEU A 278 0.35 22.87 -15.23
CA LEU A 278 -0.38 21.63 -15.49
C LEU A 278 0.07 20.52 -14.55
N LEU A 279 1.38 20.40 -14.35
CA LEU A 279 1.91 19.45 -13.37
C LEU A 279 1.29 19.70 -11.99
N SER A 280 1.20 20.97 -11.60
CA SER A 280 0.72 21.33 -10.28
C SER A 280 -0.74 20.99 -10.06
N LYS A 281 -1.51 20.88 -11.14
CA LYS A 281 -2.92 20.59 -11.07
C LYS A 281 -3.25 19.13 -11.25
N GLY A 282 -2.25 18.26 -11.32
CA GLY A 282 -2.56 16.86 -11.49
C GLY A 282 -3.05 16.54 -12.89
N ARG A 283 -2.67 17.34 -13.88
CA ARG A 283 -3.16 17.18 -15.24
C ARG A 283 -2.09 16.72 -16.24
N LEU A 284 -0.88 16.43 -15.77
CA LEU A 284 0.19 16.02 -16.67
C LEU A 284 1.20 15.14 -15.96
N ILE A 285 1.67 14.12 -16.67
CA ILE A 285 2.79 13.29 -16.28
C ILE A 285 3.87 13.44 -17.36
N ILE A 286 5.11 13.65 -16.94
CA ILE A 286 6.24 13.75 -17.87
C ILE A 286 7.18 12.59 -17.60
N ARG A 287 7.30 11.70 -18.59
CA ARG A 287 8.20 10.56 -18.55
C ARG A 287 8.08 9.86 -19.89
N GLU A 288 8.95 8.88 -20.12
CA GLU A 288 8.79 8.02 -21.27
C GLU A 288 7.69 7.01 -21.03
N ASN A 289 7.33 6.29 -22.08
CA ASN A 289 6.25 5.32 -22.02
C ASN A 289 6.72 3.99 -22.54
N ASN A 290 7.99 3.67 -22.28
CA ASN A 290 8.58 2.44 -22.78
C ASN A 290 8.21 1.29 -21.85
N ARG A 291 8.88 0.15 -22.01
CA ARG A 291 8.64 -1.01 -21.18
C ARG A 291 9.11 -0.75 -19.75
N VAL A 292 8.41 -1.35 -18.80
CA VAL A 292 8.83 -1.30 -17.40
C VAL A 292 9.78 -2.47 -17.13
N VAL A 293 11.01 -2.15 -16.76
CA VAL A 293 12.06 -3.14 -16.49
C VAL A 293 12.68 -2.82 -15.14
N ILE A 294 12.79 -3.85 -14.30
CA ILE A 294 13.32 -3.71 -12.95
C ILE A 294 14.34 -4.81 -12.68
N SER A 295 15.12 -4.61 -11.62
CA SER A 295 16.08 -5.64 -11.24
C SER A 295 16.51 -5.41 -9.81
N SER A 296 17.05 -6.48 -9.23
CA SER A 296 17.65 -6.46 -7.92
C SER A 296 19.11 -6.89 -8.04
N ASP A 297 20.02 -6.06 -7.52
CA ASP A 297 21.43 -6.39 -7.49
C ASP A 297 21.66 -7.54 -6.52
N VAL A 298 22.46 -8.53 -6.95
CA VAL A 298 22.78 -9.68 -6.12
C VAL A 298 24.29 -9.66 -5.86
N LEU A 299 24.65 -9.61 -4.59
CA LEU A 299 26.04 -9.69 -4.19
C LEU A 299 26.46 -11.16 -4.15
N VAL A 300 27.54 -11.48 -4.85
CA VAL A 300 28.03 -12.86 -4.92
C VAL A 300 29.24 -12.96 -4.02
N ASN A 301 29.19 -13.87 -3.05
CA ASN A 301 30.39 -14.23 -2.29
C ASN A 301 30.28 -15.72 -1.95
N ASN A 302 31.26 -16.22 -1.19
CA ASN A 302 31.33 -17.64 -0.89
C ASN A 302 30.32 -18.04 0.19
N ALA B 21 8.95 -40.13 -11.15
CA ALA B 21 7.51 -40.17 -10.92
C ALA B 21 7.11 -39.50 -9.60
N PHE B 22 8.08 -39.30 -8.72
CA PHE B 22 7.77 -38.71 -7.42
C PHE B 22 7.39 -37.25 -7.56
N ALA B 23 6.29 -36.86 -6.93
CA ALA B 23 5.87 -35.47 -6.83
C ALA B 23 5.30 -35.23 -5.45
N VAL B 24 5.69 -34.12 -4.84
CA VAL B 24 5.04 -33.72 -3.59
C VAL B 24 3.59 -33.38 -3.89
N ASP B 25 2.69 -33.88 -3.05
CA ASP B 25 1.24 -33.67 -3.22
C ASP B 25 0.74 -32.83 -2.03
N ALA B 26 0.97 -31.52 -2.10
CA ALA B 26 0.67 -30.64 -0.98
C ALA B 26 -0.84 -30.53 -0.75
N ALA B 27 -1.63 -30.53 -1.83
CA ALA B 27 -3.08 -30.47 -1.69
C ALA B 27 -3.57 -31.60 -0.80
N LYS B 28 -3.19 -32.83 -1.14
CA LYS B 28 -3.57 -33.98 -0.33
C LYS B 28 -3.10 -33.82 1.10
N ALA B 29 -1.86 -33.35 1.29
CA ALA B 29 -1.32 -33.25 2.64
C ALA B 29 -2.14 -32.27 3.48
N TYR B 30 -2.57 -31.16 2.88
CA TYR B 30 -3.31 -30.16 3.65
C TYR B 30 -4.70 -30.69 4.00
N LYS B 31 -5.39 -31.27 3.01
CA LYS B 31 -6.67 -31.93 3.27
C LYS B 31 -6.56 -32.93 4.41
N ASP B 32 -5.52 -33.78 4.38
CA ASP B 32 -5.34 -34.76 5.45
C ASP B 32 -5.03 -34.07 6.77
N TYR B 33 -4.24 -33.00 6.73
CA TYR B 33 -3.94 -32.27 7.96
C TYR B 33 -5.20 -31.69 8.56
N LEU B 34 -6.11 -31.20 7.71
CA LEU B 34 -7.34 -30.60 8.23
C LEU B 34 -8.23 -31.65 8.88
N ALA B 35 -8.43 -32.77 8.19
CA ALA B 35 -9.25 -33.85 8.74
C ALA B 35 -8.65 -34.41 10.02
N SER B 36 -7.34 -34.41 10.15
CA SER B 36 -6.68 -34.74 11.41
C SER B 36 -6.98 -33.75 12.52
N GLY B 37 -7.76 -32.69 12.25
CA GLY B 37 -7.98 -31.67 13.25
C GLY B 37 -6.95 -30.56 13.30
N GLY B 38 -6.26 -30.28 12.19
CA GLY B 38 -5.26 -29.23 12.19
C GLY B 38 -5.86 -27.84 11.96
N GLN B 39 -5.26 -26.86 12.61
CA GLN B 39 -5.71 -25.47 12.47
C GLN B 39 -5.45 -24.97 11.05
N PRO B 40 -6.45 -24.41 10.37
CA PRO B 40 -6.24 -23.94 9.00
C PRO B 40 -5.17 -22.85 8.90
N ILE B 41 -4.63 -22.71 7.68
CA ILE B 41 -3.70 -21.63 7.40
C ILE B 41 -4.36 -20.31 7.71
N THR B 42 -3.62 -19.43 8.38
CA THR B 42 -4.09 -18.13 8.81
C THR B 42 -3.44 -17.00 8.00
N ASN B 43 -3.81 -15.77 8.34
CA ASN B 43 -3.25 -14.54 7.77
C ASN B 43 -3.56 -14.39 6.30
N CYS B 44 -4.61 -15.04 5.82
CA CYS B 44 -5.17 -14.65 4.54
C CYS B 44 -5.66 -13.20 4.63
N VAL B 45 -5.50 -12.45 3.55
CA VAL B 45 -5.62 -10.99 3.59
C VAL B 45 -7.07 -10.64 3.23
N LYS B 46 -7.86 -10.31 4.23
CA LYS B 46 -9.26 -9.97 3.98
C LYS B 46 -9.41 -8.48 3.65
N MET B 47 -10.17 -8.18 2.61
CA MET B 47 -10.33 -6.82 2.12
C MET B 47 -11.58 -6.15 2.71
N LEU B 48 -11.51 -4.84 2.85
CA LEU B 48 -12.71 -4.05 3.03
C LEU B 48 -13.43 -3.88 1.69
N CYS B 49 -14.75 -4.06 1.70
CA CYS B 49 -15.53 -3.90 0.48
C CYS B 49 -16.98 -3.65 0.86
N THR B 50 -17.80 -3.36 -0.17
CA THR B 50 -19.21 -3.03 0.06
C THR B 50 -20.05 -4.25 0.41
N HIS B 51 -19.61 -5.44 0.01
CA HIS B 51 -20.43 -6.65 0.09
C HIS B 51 -21.75 -6.53 -0.66
N THR B 52 -21.75 -5.78 -1.77
CA THR B 52 -22.83 -5.70 -2.73
C THR B 52 -22.33 -6.06 -4.13
N GLY B 53 -21.35 -6.96 -4.22
CA GLY B 53 -20.71 -7.28 -5.47
C GLY B 53 -21.38 -8.48 -6.13
N THR B 54 -20.79 -8.90 -7.26
CA THR B 54 -21.42 -9.93 -8.07
C THR B 54 -21.45 -11.29 -7.39
N GLY B 55 -20.56 -11.53 -6.44
CA GLY B 55 -20.45 -12.83 -5.83
C GLY B 55 -19.70 -13.86 -6.64
N GLN B 56 -19.15 -13.50 -7.79
CA GLN B 56 -18.33 -14.44 -8.54
C GLN B 56 -17.07 -14.81 -7.76
N ALA B 57 -16.48 -15.94 -8.14
CA ALA B 57 -15.50 -16.60 -7.29
C ALA B 57 -14.16 -15.86 -7.26
N ILE B 58 -13.62 -15.55 -8.43
CA ILE B 58 -12.28 -15.02 -8.58
C ILE B 58 -12.38 -13.83 -9.52
N THR B 59 -12.05 -12.65 -9.02
CA THR B 59 -12.33 -11.42 -9.74
C THR B 59 -11.16 -10.44 -9.69
N VAL B 60 -11.20 -9.43 -10.57
CA VAL B 60 -10.10 -8.50 -10.65
C VAL B 60 -10.13 -7.46 -9.52
N THR B 61 -11.27 -7.27 -8.87
CA THR B 61 -11.43 -6.43 -7.71
C THR B 61 -12.37 -7.15 -6.79
N PRO B 62 -12.44 -6.80 -5.49
CA PRO B 62 -13.32 -7.51 -4.57
C PRO B 62 -14.76 -7.49 -5.05
N GLU B 63 -15.41 -8.65 -5.00
CA GLU B 63 -16.78 -8.76 -5.46
C GLU B 63 -17.66 -9.52 -4.48
N ALA B 64 -17.28 -9.56 -3.22
CA ALA B 64 -18.11 -10.24 -2.24
C ALA B 64 -19.54 -9.69 -2.25
N ASN B 65 -20.50 -10.60 -2.10
CA ASN B 65 -21.87 -10.21 -1.82
C ASN B 65 -22.10 -10.28 -0.32
N MET B 66 -23.38 -10.23 0.08
CA MET B 66 -23.69 -10.16 1.50
C MET B 66 -23.29 -11.43 2.23
N ASP B 67 -23.18 -12.54 1.52
CA ASP B 67 -22.88 -13.83 2.11
C ASP B 67 -21.40 -14.22 2.01
N GLN B 68 -20.53 -13.30 1.58
CA GLN B 68 -19.14 -13.64 1.29
C GLN B 68 -18.18 -12.63 1.91
N GLU B 69 -16.91 -13.07 2.02
CA GLU B 69 -15.78 -12.19 2.26
C GLU B 69 -14.85 -12.25 1.06
N SER B 70 -14.17 -11.14 0.79
CA SER B 70 -13.23 -11.06 -0.30
C SER B 70 -11.82 -11.04 0.26
N PHE B 71 -10.91 -11.80 -0.36
CA PHE B 71 -9.54 -11.91 0.10
C PHE B 71 -8.57 -11.67 -1.05
N GLY B 72 -7.41 -11.13 -0.71
CA GLY B 72 -6.32 -11.07 -1.67
C GLY B 72 -5.94 -12.48 -2.11
N GLY B 73 -5.82 -12.67 -3.42
CA GLY B 73 -5.75 -14.02 -3.97
C GLY B 73 -4.49 -14.77 -3.55
N ALA B 74 -3.33 -14.12 -3.69
CA ALA B 74 -2.07 -14.80 -3.38
C ALA B 74 -2.08 -15.40 -1.98
N SER B 75 -2.65 -14.65 -1.03
CA SER B 75 -2.66 -15.10 0.37
C SER B 75 -3.56 -16.31 0.60
N CYS B 76 -4.42 -16.64 -0.35
CA CYS B 76 -5.33 -17.78 -0.23
C CYS B 76 -4.90 -18.99 -1.07
N CYS B 77 -3.73 -18.93 -1.67
CA CYS B 77 -3.25 -19.97 -2.57
C CYS B 77 -2.28 -20.88 -1.81
N LEU B 78 -2.60 -22.17 -1.75
CA LEU B 78 -1.74 -23.10 -1.01
C LEU B 78 -0.32 -23.07 -1.53
N TYR B 79 -0.16 -23.00 -2.84
CA TYR B 79 1.18 -23.10 -3.42
C TYR B 79 1.97 -21.81 -3.18
N CYS B 80 1.33 -20.67 -3.36
CA CYS B 80 1.96 -19.41 -3.01
C CYS B 80 2.39 -19.42 -1.56
N ARG B 81 1.48 -19.82 -0.67
CA ARG B 81 1.74 -19.68 0.76
C ARG B 81 2.79 -20.67 1.25
N CYS B 82 2.84 -21.86 0.67
CA CYS B 82 3.81 -22.87 1.08
C CYS B 82 5.13 -22.78 0.33
N HIS B 83 5.23 -21.87 -0.65
CA HIS B 83 6.44 -21.70 -1.45
C HIS B 83 6.76 -23.01 -2.18
N ILE B 84 5.81 -23.45 -2.99
CA ILE B 84 5.96 -24.67 -3.77
C ILE B 84 5.43 -24.41 -5.16
N ASP B 85 5.82 -25.27 -6.09
CA ASP B 85 5.46 -25.08 -7.48
C ASP B 85 3.96 -25.25 -7.67
N HIS B 86 3.41 -24.48 -8.59
CA HIS B 86 1.99 -24.64 -8.86
C HIS B 86 1.78 -25.88 -9.73
N PRO B 87 0.72 -26.66 -9.48
CA PRO B 87 0.57 -27.98 -10.14
C PRO B 87 -0.03 -27.87 -11.55
N ASN B 88 0.77 -27.33 -12.46
CA ASN B 88 0.44 -27.35 -13.87
C ASN B 88 1.73 -27.10 -14.65
N PRO B 89 1.75 -27.44 -15.93
CA PRO B 89 3.02 -27.35 -16.69
C PRO B 89 3.80 -26.06 -16.50
N LYS B 90 3.20 -24.90 -16.72
CA LYS B 90 3.95 -23.65 -16.71
C LYS B 90 3.82 -22.90 -15.38
N GLY B 91 3.34 -23.57 -14.34
CA GLY B 91 3.42 -23.04 -12.99
C GLY B 91 2.59 -21.81 -12.73
N PHE B 92 1.54 -21.58 -13.51
CA PHE B 92 0.72 -20.39 -13.41
C PHE B 92 -0.21 -20.49 -12.20
N CYS B 93 -0.56 -19.34 -11.64
CA CYS B 93 -1.43 -19.28 -10.46
C CYS B 93 -2.70 -18.53 -10.82
N ASP B 94 -3.84 -19.15 -10.53
CA ASP B 94 -5.15 -18.57 -10.86
C ASP B 94 -5.60 -17.51 -9.85
N LEU B 95 -4.92 -17.37 -8.73
CA LEU B 95 -5.39 -16.51 -7.64
C LEU B 95 -4.56 -15.25 -7.45
N LYS B 96 -3.26 -15.35 -7.69
CA LYS B 96 -2.34 -14.27 -7.46
C LYS B 96 -2.69 -13.06 -8.31
N GLY B 97 -2.76 -11.89 -7.70
CA GLY B 97 -3.11 -10.68 -8.40
C GLY B 97 -4.60 -10.45 -8.55
N LYS B 98 -5.42 -11.34 -8.03
CA LYS B 98 -6.87 -11.26 -8.08
C LYS B 98 -7.41 -11.27 -6.66
N TYR B 99 -8.74 -11.26 -6.54
CA TYR B 99 -9.43 -11.40 -5.28
C TYR B 99 -10.33 -12.62 -5.34
N VAL B 100 -10.38 -13.34 -4.24
CA VAL B 100 -11.19 -14.55 -4.15
C VAL B 100 -12.30 -14.29 -3.15
N GLN B 101 -13.53 -14.60 -3.57
CA GLN B 101 -14.70 -14.53 -2.72
C GLN B 101 -14.91 -15.86 -2.04
N ILE B 102 -15.05 -15.81 -0.72
CA ILE B 102 -15.19 -17.01 0.10
C ILE B 102 -16.50 -16.86 0.86
N PRO B 103 -17.37 -17.88 0.83
CA PRO B 103 -18.56 -17.84 1.69
C PRO B 103 -18.17 -17.55 3.13
N THR B 104 -18.95 -16.67 3.78
CA THR B 104 -18.61 -16.27 5.13
C THR B 104 -18.54 -17.46 6.07
N THR B 105 -19.40 -18.46 5.86
CA THR B 105 -19.38 -19.68 6.65
C THR B 105 -18.07 -20.48 6.53
N CYS B 106 -17.31 -20.26 5.46
CA CYS B 106 -16.07 -20.99 5.19
C CYS B 106 -14.83 -20.11 5.32
N ALA B 107 -14.98 -18.86 5.75
CA ALA B 107 -13.88 -17.90 5.67
C ALA B 107 -12.84 -18.12 6.76
N ASN B 108 -13.07 -19.05 7.68
CA ASN B 108 -12.02 -19.44 8.61
C ASN B 108 -10.91 -20.25 7.93
N ASP B 109 -11.12 -20.72 6.70
CA ASP B 109 -10.12 -21.53 6.00
C ASP B 109 -10.19 -21.22 4.52
N PRO B 110 -9.77 -20.02 4.11
CA PRO B 110 -9.85 -19.70 2.68
C PRO B 110 -9.02 -20.63 1.82
N VAL B 111 -7.84 -21.04 2.30
CA VAL B 111 -6.98 -21.88 1.48
C VAL B 111 -7.64 -23.23 1.23
N GLY B 112 -8.16 -23.84 2.29
CA GLY B 112 -8.89 -25.10 2.13
C GLY B 112 -10.06 -24.95 1.19
N PHE B 113 -10.78 -23.85 1.28
CA PHE B 113 -11.95 -23.66 0.42
C PHE B 113 -11.54 -23.63 -1.04
N THR B 114 -10.50 -22.85 -1.36
CA THR B 114 -10.14 -22.71 -2.78
C THR B 114 -9.61 -24.03 -3.33
N LEU B 115 -8.94 -24.79 -2.48
CA LEU B 115 -8.43 -26.10 -2.90
C LEU B 115 -9.55 -27.06 -3.22
N LYS B 116 -10.59 -27.09 -2.37
CA LYS B 116 -11.60 -28.13 -2.41
C LYS B 116 -12.74 -27.84 -3.36
N ASN B 117 -12.81 -26.65 -3.96
CA ASN B 117 -14.00 -26.27 -4.68
C ASN B 117 -13.66 -25.86 -6.10
N THR B 118 -14.70 -25.70 -6.91
CA THR B 118 -14.51 -25.45 -8.31
C THR B 118 -15.39 -24.31 -8.78
N VAL B 119 -14.86 -23.58 -9.76
CA VAL B 119 -15.53 -22.43 -10.36
C VAL B 119 -16.27 -22.88 -11.61
N CYS B 120 -17.57 -22.57 -11.68
CA CYS B 120 -18.33 -22.84 -12.90
C CYS B 120 -17.77 -22.02 -14.06
N THR B 121 -17.35 -22.70 -15.12
CA THR B 121 -16.75 -22.02 -16.26
C THR B 121 -17.73 -21.21 -17.08
N VAL B 122 -19.03 -21.31 -16.79
CA VAL B 122 -20.03 -20.50 -17.49
C VAL B 122 -20.47 -19.32 -16.64
N CYS B 123 -20.79 -19.54 -15.36
CA CYS B 123 -21.37 -18.49 -14.54
C CYS B 123 -20.35 -17.74 -13.68
N GLY B 124 -19.14 -18.28 -13.52
CA GLY B 124 -18.13 -17.64 -12.71
C GLY B 124 -18.31 -17.80 -11.22
N MET B 125 -19.39 -18.45 -10.80
CA MET B 125 -19.63 -18.69 -9.38
C MET B 125 -19.02 -20.01 -8.95
N TRP B 126 -18.85 -20.16 -7.64
CA TRP B 126 -18.45 -21.44 -7.07
C TRP B 126 -19.56 -22.46 -7.29
N LYS B 127 -19.18 -23.63 -7.79
CA LYS B 127 -20.09 -24.77 -7.79
C LYS B 127 -20.58 -25.04 -6.38
N GLY B 128 -21.90 -25.05 -6.22
CA GLY B 128 -22.48 -25.34 -4.92
C GLY B 128 -22.53 -24.17 -3.97
N TYR B 129 -22.07 -22.99 -4.37
CA TYR B 129 -22.11 -21.82 -3.50
C TYR B 129 -22.43 -20.58 -4.32
N GLY B 130 -23.37 -20.72 -5.26
CA GLY B 130 -23.75 -19.60 -6.09
C GLY B 130 -24.07 -19.99 -7.51
N CYS B 131 -23.52 -21.09 -8.00
CA CYS B 131 -23.83 -21.51 -9.37
C CYS B 131 -25.27 -21.99 -9.46
N SER B 132 -26.03 -21.41 -10.38
CA SER B 132 -27.43 -21.67 -10.63
C SER B 132 -27.65 -22.51 -11.88
N CYS B 133 -26.58 -22.91 -12.55
CA CYS B 133 -26.68 -23.36 -13.93
C CYS B 133 -27.46 -24.66 -14.06
N ASP B 134 -27.44 -25.49 -13.02
CA ASP B 134 -27.98 -26.85 -13.09
C ASP B 134 -29.39 -26.95 -12.57
N GLN B 135 -30.14 -25.85 -12.57
CA GLN B 135 -31.49 -25.83 -12.05
C GLN B 135 -32.51 -26.28 -13.08
O1 MES C . -5.08 18.22 -3.80
C2 MES C . -6.25 18.87 -3.22
C3 MES C . -6.01 19.56 -1.87
N4 MES C . -4.91 20.45 -2.08
C5 MES C . -3.69 19.81 -2.56
C6 MES C . -3.91 19.02 -3.84
C7 MES C . -4.50 21.47 -1.08
C8 MES C . -5.66 21.87 -0.18
S MES C . -5.22 22.99 1.00
O1S MES C . -3.91 23.71 0.89
O2S MES C . -5.19 22.22 2.28
O3S MES C . -6.31 23.97 0.98
H21 MES C . -7.03 18.12 -3.10
H22 MES C . -6.61 19.63 -3.93
H31 MES C . -6.90 20.11 -1.54
H32 MES C . -5.77 18.82 -1.10
HN4 MES C . -5.41 20.99 -2.77
H51 MES C . -2.93 20.58 -2.74
H52 MES C . -3.30 19.15 -1.78
H61 MES C . -3.05 18.38 -4.02
H62 MES C . -3.99 19.71 -4.67
H71 MES C . -3.68 21.07 -0.48
H72 MES C . -4.13 22.35 -1.60
H81 MES C . -6.04 20.97 0.31
H82 MES C . -6.45 22.28 -0.79
C14 A1H3E D . 12.64 -2.18 6.39
O4 A1H3E D . 9.72 -2.54 5.84
C12 A1H3E D . 13.94 -2.08 4.67
C11 A1H3E D . 12.81 -2.81 4.36
C9 A1H3E D . 7.72 -2.64 7.02
C1 A1H3E D . 10.72 -4.57 6.53
C2 A1H3E D . 9.39 -4.71 6.79
C5 A1H3E D . 10.88 -3.49 5.45
C3 A1H3E D . 8.72 -3.36 6.13
C16 A1H3E D . 13.62 -3.08 2.22
C18 A1H3E D . 14.94 -1.91 3.69
C20 A1H3E D . 7.20 -3.41 9.56
C21 A1H3E D . 7.60 -3.57 11.04
C22 A1H3E D . 8.54 -4.53 11.42
C23 A1H3E D . 8.89 -4.67 12.76
C24 A1H3E D . 8.32 -3.82 13.71
C25 A1H3E D . 7.37 -2.86 13.31
C26 A1H3E D . 7.02 -2.74 11.98
C27 A1H3E D . 6.68 -1.89 14.33
C30 A1H3E D . 9.94 -5.74 13.11
C31 A1H3E D . 10.42 -5.93 14.33
C32 A1H3E D . 11.50 -7.00 14.55
N13 A1H3E D . 13.80 -1.70 5.96
N15 A1H3E D . 12.67 -3.31 3.12
N17 A1H3E D . 14.74 -2.43 2.47
N19 A1H3E D . 16.17 -1.17 3.97
N8 A1H3E D . 12.05 -2.85 5.43
O28 A1H3E D . 5.76 -1.19 13.95
O29 A1H3E D . 7.13 -1.83 15.53
O33 A1H3E D . 11.14 -7.78 15.71
O6 A1H3E D . 8.68 -5.77 6.14
O7 A1H3E D . 11.30 -5.88 6.08
S10 A1H3E D . 8.47 -2.41 8.67
H141 A1H3E D . 12.23 -2.04 7.41
H92 A1H3E D . 6.81 -3.23 7.10
H91 A1H3E D . 7.49 -1.67 6.59
H11 A1H3E D . 11.25 -4.22 7.46
H21 A1H3E D . 9.34 -4.84 7.88
H51 A1H3E D . 10.79 -3.97 4.42
H31 A1H3E D . 8.19 -3.73 5.21
H161 A1H3E D . 13.47 -3.45 1.24
H202 A1H3E D . 6.23 -2.90 9.50
H201 A1H3E D . 7.13 -4.41 9.09
H221 A1H3E D . 8.97 -5.15 10.70
H241 A1H3E D . 8.60 -3.91 14.76
H261 A1H3E D . 6.28 -2.00 11.67
H322 A1H3E D . 12.47 -6.51 14.71
H321 A1H3E D . 11.56 -7.65 13.67
H191 A1H3E D . 16.43 -0.99 4.91
H192 A1H3E D . 16.75 -0.85 3.21
H331 A1H3E D . 11.92 -8.23 16.04
H61 A1H3E D . 8.47 -6.37 6.76
H71 A1H3E D . 11.99 -6.16 6.70
H301 A1H3E D . 10.30 -6.38 12.32
H311 A1H3E D . 10.07 -5.35 15.13
ZN ZN E . -0.53 -19.30 -6.13
ZN ZN F . -22.71 -21.84 -13.29
#